data_3FUK
#
_entry.id   3FUK
#
_cell.length_a   78.176
_cell.length_b   87.220
_cell.length_c   99.899
_cell.angle_alpha   90.00
_cell.angle_beta   90.00
_cell.angle_gamma   90.00
#
_symmetry.space_group_name_H-M   'P 21 21 21'
#
loop_
_entity.id
_entity.type
_entity.pdbx_description
1 polymer 'Leukotriene A-4 hydrolase'
2 non-polymer 'ZINC ION'
3 non-polymer 'YTTERBIUM (III) ION'
4 non-polymer '1-[2-(1H-indol-5-yloxy)ethyl]piperidine-4-carboxylic acid'
5 non-polymer 'ACETATE ION'
6 non-polymer IMIDAZOLE
7 water water
#
_entity_poly.entity_id   1
_entity_poly.type   'polypeptide(L)'
_entity_poly.pdbx_seq_one_letter_code
;MPEIVDTCSLASPASVCRTKHLHLRCSVDFTRRTLTGTAALTVQSQEDNLRSLVLDTKDLTIEKVVINGQEVKYALGERQ
SYKGSPMEISLPIALSKNQEIVIEISFETSPKSSALQWLTPEQTSGKEHPYLFSQCQAIHCRAILPCQDTPSVKLTYTAE
VSVPKELVALMSAIRDGETPDPEDPSRKIYKFIQKVPIPCYLIALVVGALESRQIGPRTLVWSEKEQVEKSAYEFSETES
MLKIAEDLGGPYVWGQYDLLVLPPSFPYGGMENPCLTFVTPTLLAGDKSLSNVIAHEISHSWTGNLVTNKTWDHFWLNEG
HTVYLERHICGRLFGEKFRHFNALGGWGELQNSVKTFGETHPFTKLVVDLTDIDPDVAYSSVPYEKGFALLFYLEQLLGG
PEIFLGFLKAYVEKFSYKSITTDDWKDFLYSYFKDKVDVLNQVDWNAWLYSPGLPPIKPNYDMTLTNACIALSQRWITAK
EDDLNSFNATDLKDLSSHQLNEFLAQTLQRAPLPLGHIKRMQEVYNFNAINNSEIRFRWLRLCIQSKWEDAIPLALKMAT
EQGRMKFTRPLFKDLAAFDKSHDQAVRTYQEHKASMHPVTAMLVGKDLKVD
;
_entity_poly.pdbx_strand_id   A
#
loop_
_chem_comp.id
_chem_comp.type
_chem_comp.name
_chem_comp.formula
58Z non-polymer '1-[2-(1H-indol-5-yloxy)ethyl]piperidine-4-carboxylic acid' 'C16 H20 N2 O3'
ACT non-polymer 'ACETATE ION' 'C2 H3 O2 -1'
IMD non-polymer IMIDAZOLE 'C3 H5 N2 1'
YB non-polymer 'YTTERBIUM (III) ION' 'Yb 3'
ZN non-polymer 'ZINC ION' 'Zn 2'
#
# COMPACT_ATOMS: atom_id res chain seq x y z
N ILE A 4 -24.06 7.37 5.10
CA ILE A 4 -22.78 7.70 4.37
C ILE A 4 -22.47 6.66 3.27
N VAL A 5 -22.39 7.16 2.05
CA VAL A 5 -22.38 6.33 0.84
C VAL A 5 -20.94 6.09 0.34
N ASP A 6 -20.62 4.84 0.04
CA ASP A 6 -19.34 4.52 -0.60
C ASP A 6 -19.48 4.70 -2.11
N THR A 7 -19.01 5.83 -2.62
CA THR A 7 -19.19 6.14 -4.05
C THR A 7 -18.22 5.39 -4.96
N CYS A 8 -17.38 4.54 -4.37
CA CYS A 8 -16.52 3.67 -5.15
C CYS A 8 -17.13 2.29 -5.36
N SER A 9 -18.19 1.97 -4.63
CA SER A 9 -18.82 0.65 -4.75
C SER A 9 -20.17 0.75 -5.43
N LEU A 10 -20.51 -0.27 -6.21
CA LEU A 10 -21.84 -0.37 -6.82
C LEU A 10 -22.74 -1.37 -6.10
N ALA A 11 -22.19 -2.03 -5.08
CA ALA A 11 -22.93 -3.08 -4.35
C ALA A 11 -24.01 -2.48 -3.42
N SER A 12 -24.93 -3.31 -2.93
CA SER A 12 -25.84 -2.89 -1.86
C SER A 12 -24.98 -2.43 -0.67
N PRO A 13 -25.37 -1.32 -0.02
CA PRO A 13 -24.62 -0.82 1.12
C PRO A 13 -24.91 -1.61 2.40
N ALA A 14 -24.07 -1.40 3.41
CA ALA A 14 -24.13 -2.09 4.69
C ALA A 14 -25.49 -1.90 5.38
N SER A 15 -26.16 -0.79 5.08
CA SER A 15 -27.49 -0.51 5.62
C SER A 15 -28.59 -1.45 5.06
N VAL A 16 -28.31 -2.05 3.90
CA VAL A 16 -29.24 -2.98 3.24
C VAL A 16 -28.96 -4.46 3.60
N CYS A 17 -27.71 -4.89 3.41
CA CYS A 17 -27.29 -6.25 3.80
C CYS A 17 -25.79 -6.23 4.08
N ARG A 18 -25.31 -7.24 4.81
CA ARG A 18 -23.90 -7.35 5.19
C ARG A 18 -23.38 -8.75 4.99
N THR A 19 -22.32 -8.85 4.21
CA THR A 19 -21.58 -10.08 4.14
C THR A 19 -20.90 -10.34 5.49
N LYS A 20 -21.20 -11.52 6.04
CA LYS A 20 -20.59 -11.99 7.29
C LYS A 20 -19.38 -12.91 7.08
N HIS A 21 -19.40 -13.68 6.00
CA HIS A 21 -18.38 -14.69 5.74
C HIS A 21 -18.25 -14.98 4.26
N LEU A 22 -17.03 -15.30 3.83
CA LEU A 22 -16.77 -15.80 2.49
C LEU A 22 -16.09 -17.14 2.60
N HIS A 23 -16.68 -18.17 1.97
CA HIS A 23 -15.94 -19.38 1.71
C HIS A 23 -15.55 -19.45 0.23
N LEU A 24 -14.25 -19.36 -0.02
CA LEU A 24 -13.72 -19.35 -1.37
C LEU A 24 -13.09 -20.72 -1.70
N ARG A 25 -13.60 -21.36 -2.74
CA ARG A 25 -13.05 -22.62 -3.20
C ARG A 25 -12.70 -22.39 -4.68
N CYS A 26 -11.40 -22.32 -4.99
CA CYS A 26 -10.97 -22.01 -6.35
C CYS A 26 -9.73 -22.79 -6.81
N SER A 27 -9.43 -22.68 -8.10
CA SER A 27 -8.29 -23.37 -8.69
C SER A 27 -7.53 -22.37 -9.53
N VAL A 28 -6.20 -22.38 -9.42
CA VAL A 28 -5.36 -21.41 -10.11
C VAL A 28 -4.83 -22.01 -11.42
N ASP A 29 -5.24 -21.44 -12.55
CA ASP A 29 -4.91 -22.04 -13.85
C ASP A 29 -3.90 -21.19 -14.58
N PHE A 30 -2.63 -21.59 -14.53
CA PHE A 30 -1.56 -20.78 -15.11
C PHE A 30 -1.54 -20.81 -16.63
N THR A 31 -2.12 -21.86 -17.21
CA THR A 31 -2.21 -21.98 -18.67
C THR A 31 -3.19 -20.93 -19.18
N ARG A 32 -4.35 -20.83 -18.54
CA ARG A 32 -5.35 -19.86 -18.96
C ARG A 32 -5.21 -18.50 -18.27
N ARG A 33 -4.41 -18.43 -17.21
CA ARG A 33 -4.26 -17.21 -16.40
C ARG A 33 -5.62 -16.79 -15.82
N THR A 34 -6.31 -17.78 -15.25
CA THR A 34 -7.60 -17.55 -14.60
C THR A 34 -7.66 -18.21 -13.22
N LEU A 35 -8.45 -17.61 -12.34
CA LEU A 35 -8.84 -18.24 -11.11
C LEU A 35 -10.29 -18.68 -11.33
N THR A 36 -10.60 -19.94 -11.02
CA THR A 36 -11.92 -20.49 -11.26
C THR A 36 -12.47 -21.14 -10.00
N GLY A 37 -13.72 -20.86 -9.69
CA GLY A 37 -14.32 -21.54 -8.55
C GLY A 37 -15.61 -20.92 -8.08
N THR A 38 -15.88 -21.11 -6.79
CA THR A 38 -17.09 -20.62 -6.18
C THR A 38 -16.75 -19.72 -5.02
N ALA A 39 -17.50 -18.65 -4.90
CA ALA A 39 -17.47 -17.80 -3.71
C ALA A 39 -18.82 -17.97 -3.05
N ALA A 40 -18.84 -18.53 -1.85
CA ALA A 40 -20.07 -18.65 -1.07
C ALA A 40 -20.14 -17.53 -0.06
N LEU A 41 -21.05 -16.61 -0.26
CA LEU A 41 -21.18 -15.48 0.66
C LEU A 41 -22.31 -15.74 1.65
N THR A 42 -22.01 -15.67 2.95
CA THR A 42 -23.06 -15.64 3.98
C THR A 42 -23.45 -14.18 4.17
N VAL A 43 -24.69 -13.85 3.83
CA VAL A 43 -25.17 -12.48 3.82
C VAL A 43 -26.29 -12.34 4.84
N GLN A 44 -26.22 -11.28 5.66
CA GLN A 44 -27.27 -10.96 6.60
C GLN A 44 -28.09 -9.76 6.12
N SER A 45 -29.41 -9.94 5.99
CA SER A 45 -30.27 -8.84 5.62
C SER A 45 -30.31 -7.81 6.74
N GLN A 46 -30.21 -6.52 6.40
CA GLN A 46 -30.39 -5.48 7.40
C GLN A 46 -31.76 -4.86 7.27
N GLU A 47 -32.60 -5.46 6.44
CA GLU A 47 -33.89 -4.85 6.06
C GLU A 47 -35.01 -5.86 6.11
N ASP A 48 -36.20 -5.37 6.38
CA ASP A 48 -37.36 -6.19 6.20
C ASP A 48 -37.67 -6.44 4.72
N ASN A 49 -38.24 -7.62 4.44
CA ASN A 49 -38.72 -7.97 3.11
C ASN A 49 -37.70 -7.77 1.99
N LEU A 50 -36.45 -8.17 2.24
CA LEU A 50 -35.37 -8.01 1.24
C LEU A 50 -35.50 -9.08 0.16
N ARG A 51 -35.58 -8.65 -1.10
CA ARG A 51 -35.80 -9.55 -2.24
C ARG A 51 -34.71 -9.59 -3.30
N SER A 52 -33.79 -8.64 -3.26
CA SER A 52 -32.65 -8.66 -4.15
C SER A 52 -31.48 -7.91 -3.53
N LEU A 53 -30.31 -8.07 -4.13
CA LEU A 53 -29.14 -7.37 -3.65
C LEU A 53 -28.12 -7.29 -4.77
N VAL A 54 -27.18 -6.38 -4.63
CA VAL A 54 -26.23 -6.11 -5.68
C VAL A 54 -24.81 -6.29 -5.17
N LEU A 55 -23.98 -6.88 -6.02
CA LEU A 55 -22.56 -7.10 -5.73
C LEU A 55 -21.69 -6.42 -6.76
N ASP A 56 -20.49 -6.01 -6.34
CA ASP A 56 -19.46 -5.53 -7.25
C ASP A 56 -18.81 -6.69 -8.00
N THR A 57 -18.54 -6.48 -9.29
CA THR A 57 -17.72 -7.39 -10.09
C THR A 57 -16.89 -6.55 -11.05
N LYS A 58 -15.79 -7.09 -11.54
CA LYS A 58 -15.01 -6.43 -12.59
C LYS A 58 -14.31 -7.51 -13.41
N ASP A 59 -14.71 -7.63 -14.68
CA ASP A 59 -14.10 -8.57 -15.64
C ASP A 59 -14.24 -10.02 -15.17
N LEU A 60 -15.40 -10.31 -14.57
CA LEU A 60 -15.67 -11.62 -14.03
C LEU A 60 -16.65 -12.33 -14.96
N THR A 61 -16.40 -13.61 -15.18
CA THR A 61 -17.32 -14.45 -15.93
C THR A 61 -18.18 -15.18 -14.92
N ILE A 62 -19.49 -14.96 -14.97
CA ILE A 62 -20.38 -15.59 -14.00
C ILE A 62 -21.06 -16.76 -14.68
N GLU A 63 -20.89 -17.94 -14.09
CA GLU A 63 -21.52 -19.13 -14.63
C GLU A 63 -22.93 -19.30 -14.10
N LYS A 64 -23.08 -19.18 -12.78
CA LYS A 64 -24.37 -19.39 -12.13
C LYS A 64 -24.31 -18.92 -10.68
N VAL A 65 -25.50 -18.70 -10.13
CA VAL A 65 -25.66 -18.36 -8.72
C VAL A 65 -26.65 -19.35 -8.09
N VAL A 66 -26.25 -19.98 -6.99
CA VAL A 66 -27.05 -21.02 -6.36
C VAL A 66 -27.40 -20.65 -4.93
N ILE A 67 -28.70 -20.70 -4.63
CA ILE A 67 -29.22 -20.50 -3.28
C ILE A 67 -30.18 -21.64 -2.97
N ASN A 68 -30.06 -22.24 -1.78
CA ASN A 68 -30.92 -23.35 -1.39
C ASN A 68 -30.85 -24.51 -2.38
N GLY A 69 -29.66 -24.71 -2.97
CA GLY A 69 -29.46 -25.81 -3.91
C GLY A 69 -30.11 -25.62 -5.28
N GLN A 70 -30.69 -24.45 -5.55
CA GLN A 70 -31.24 -24.18 -6.89
C GLN A 70 -30.64 -22.91 -7.48
N GLU A 71 -30.56 -22.87 -8.82
CA GLU A 71 -30.08 -21.70 -9.54
C GLU A 71 -31.09 -20.57 -9.50
N VAL A 72 -30.59 -19.35 -9.36
CA VAL A 72 -31.45 -18.17 -9.27
C VAL A 72 -31.11 -17.18 -10.36
N LYS A 73 -32.02 -16.23 -10.59
CA LYS A 73 -31.85 -15.17 -11.58
C LYS A 73 -30.87 -14.13 -11.07
N TYR A 74 -30.04 -13.63 -11.98
CA TYR A 74 -29.13 -12.52 -11.68
C TYR A 74 -28.94 -11.74 -12.98
N ALA A 75 -28.38 -10.54 -12.88
CA ALA A 75 -28.09 -9.74 -14.06
C ALA A 75 -26.89 -8.85 -13.81
N LEU A 76 -26.05 -8.77 -14.83
CA LEU A 76 -24.91 -7.88 -14.83
C LEU A 76 -25.26 -6.57 -15.55
N GLY A 77 -25.10 -5.46 -14.84
CA GLY A 77 -25.32 -4.15 -15.41
C GLY A 77 -24.21 -3.80 -16.38
N GLU A 78 -24.35 -2.62 -16.99
CA GLU A 78 -23.35 -2.08 -17.90
C GLU A 78 -22.11 -1.71 -17.11
N ARG A 79 -20.94 -1.96 -17.69
CA ARG A 79 -19.69 -1.64 -17.02
C ARG A 79 -19.58 -0.15 -16.78
N GLN A 80 -19.09 0.22 -15.59
CA GLN A 80 -18.90 1.61 -15.24
C GLN A 80 -17.42 1.90 -15.04
N SER A 81 -16.69 1.89 -16.14
CA SER A 81 -15.27 2.17 -16.15
C SER A 81 -14.54 1.32 -15.10
N TYR A 82 -13.72 1.99 -14.29
CA TYR A 82 -12.91 1.35 -13.25
C TYR A 82 -13.74 0.71 -12.11
N LYS A 83 -15.00 1.09 -11.98
CA LYS A 83 -15.86 0.47 -10.96
C LYS A 83 -16.35 -0.93 -11.29
N GLY A 84 -16.19 -1.34 -12.55
CA GLY A 84 -16.69 -2.64 -13.02
C GLY A 84 -18.19 -2.67 -13.24
N SER A 85 -18.77 -3.85 -13.16
CA SER A 85 -20.18 -4.05 -13.49
C SER A 85 -20.94 -4.55 -12.27
N PRO A 86 -22.07 -3.90 -11.94
CA PRO A 86 -22.86 -4.37 -10.80
C PRO A 86 -23.60 -5.67 -11.13
N MET A 87 -23.72 -6.54 -10.13
CA MET A 87 -24.39 -7.81 -10.32
C MET A 87 -25.58 -7.88 -9.35
N GLU A 88 -26.79 -7.81 -9.91
CA GLU A 88 -28.01 -7.91 -9.11
C GLU A 88 -28.52 -9.34 -9.06
N ILE A 89 -28.78 -9.82 -7.85
CA ILE A 89 -29.20 -11.20 -7.64
C ILE A 89 -30.61 -11.19 -7.06
N SER A 90 -31.52 -11.97 -7.67
CA SER A 90 -32.89 -12.10 -7.16
C SER A 90 -32.97 -13.23 -6.15
N LEU A 91 -33.30 -12.88 -4.92
CA LEU A 91 -33.37 -13.86 -3.85
C LEU A 91 -34.64 -14.71 -4.06
N PRO A 92 -34.56 -16.03 -3.82
CA PRO A 92 -35.75 -16.83 -4.13
C PRO A 92 -36.89 -16.62 -3.12
N ILE A 93 -36.55 -16.20 -1.91
CA ILE A 93 -37.55 -15.95 -0.85
C ILE A 93 -37.16 -14.65 -0.14
N ALA A 94 -38.12 -13.76 0.08
CA ALA A 94 -37.88 -12.53 0.80
C ALA A 94 -37.32 -12.74 2.20
N LEU A 95 -36.36 -11.89 2.60
CA LEU A 95 -35.66 -12.06 3.87
C LEU A 95 -36.12 -11.03 4.89
N SER A 96 -36.31 -11.48 6.13
CA SER A 96 -36.60 -10.54 7.19
C SER A 96 -35.30 -9.96 7.74
N LYS A 97 -35.42 -8.88 8.49
CA LYS A 97 -34.26 -8.25 9.09
C LYS A 97 -33.49 -9.24 9.96
N ASN A 98 -32.16 -9.25 9.78
CA ASN A 98 -31.20 -10.14 10.48
C ASN A 98 -31.15 -11.59 10.01
N GLN A 99 -32.03 -11.98 9.09
CA GLN A 99 -31.97 -13.32 8.51
C GLN A 99 -30.71 -13.47 7.68
N GLU A 100 -30.04 -14.62 7.79
CA GLU A 100 -28.85 -14.91 6.99
C GLU A 100 -29.07 -16.03 6.00
N ILE A 101 -28.57 -15.84 4.79
CA ILE A 101 -28.52 -16.95 3.85
C ILE A 101 -27.14 -17.04 3.19
N VAL A 102 -26.89 -18.16 2.54
CA VAL A 102 -25.65 -18.40 1.81
C VAL A 102 -25.92 -18.35 0.32
N ILE A 103 -25.14 -17.54 -0.38
CA ILE A 103 -25.27 -17.35 -1.82
C ILE A 103 -23.97 -17.83 -2.46
N GLU A 104 -24.06 -18.89 -3.26
CA GLU A 104 -22.88 -19.49 -3.87
C GLU A 104 -22.78 -19.13 -5.36
N ILE A 105 -21.73 -18.41 -5.72
CA ILE A 105 -21.55 -17.91 -7.05
C ILE A 105 -20.37 -18.60 -7.74
N SER A 106 -20.64 -19.26 -8.86
CA SER A 106 -19.62 -19.90 -9.69
C SER A 106 -19.09 -18.88 -10.68
N PHE A 107 -17.78 -18.71 -10.72
CA PHE A 107 -17.20 -17.58 -11.45
C PHE A 107 -15.81 -17.90 -11.97
N GLU A 108 -15.33 -17.04 -12.86
CA GLU A 108 -13.98 -17.16 -13.38
C GLU A 108 -13.45 -15.74 -13.56
N THR A 109 -12.15 -15.55 -13.35
CA THR A 109 -11.57 -14.22 -13.56
C THR A 109 -11.08 -14.07 -14.98
N SER A 110 -10.85 -12.83 -15.39
CA SER A 110 -10.15 -12.52 -16.64
C SER A 110 -8.65 -12.51 -16.44
N PRO A 111 -7.88 -12.93 -17.46
CA PRO A 111 -6.42 -12.79 -17.40
C PRO A 111 -5.97 -11.36 -17.19
N LYS A 112 -6.81 -10.39 -17.52
CA LYS A 112 -6.46 -8.99 -17.33
C LYS A 112 -7.01 -8.39 -16.02
N SER A 113 -7.54 -9.24 -15.14
CA SER A 113 -7.91 -8.82 -13.76
C SER A 113 -6.92 -7.77 -13.24
N SER A 114 -7.45 -6.61 -12.86
CA SER A 114 -6.61 -5.53 -12.32
C SER A 114 -6.10 -5.85 -10.92
N ALA A 115 -6.68 -6.88 -10.28
CA ALA A 115 -6.22 -7.37 -8.97
C ALA A 115 -4.98 -8.24 -9.05
N LEU A 116 -4.70 -8.77 -10.24
CA LEU A 116 -3.74 -9.85 -10.38
C LEU A 116 -2.59 -9.52 -11.30
N GLN A 117 -1.40 -10.00 -10.95
CA GLN A 117 -0.31 -10.11 -11.93
C GLN A 117 0.16 -11.56 -12.04
N TRP A 118 0.12 -12.06 -13.27
CA TRP A 118 0.56 -13.41 -13.62
C TRP A 118 1.95 -13.28 -14.21
N LEU A 119 2.91 -13.96 -13.63
CA LEU A 119 4.31 -13.89 -14.08
C LEU A 119 4.74 -15.17 -14.75
N THR A 120 5.45 -15.05 -15.87
CA THR A 120 6.02 -16.19 -16.55
C THR A 120 7.23 -16.64 -15.74
N PRO A 121 7.71 -17.89 -15.93
CA PRO A 121 8.91 -18.37 -15.25
C PRO A 121 10.12 -17.43 -15.36
N GLU A 122 10.31 -16.81 -16.52
CA GLU A 122 11.44 -15.91 -16.74
C GLU A 122 11.36 -14.58 -15.96
N GLN A 123 10.15 -14.20 -15.52
CA GLN A 123 9.96 -13.00 -14.69
C GLN A 123 10.23 -13.27 -13.21
N THR A 124 10.59 -14.51 -12.89
CA THR A 124 10.86 -14.91 -11.51
C THR A 124 12.38 -15.10 -11.28
N SER A 125 12.75 -15.35 -10.03
CA SER A 125 14.14 -15.62 -9.64
C SER A 125 14.65 -17.00 -10.07
N GLY A 126 13.80 -18.02 -9.90
CA GLY A 126 14.18 -19.41 -10.15
C GLY A 126 14.16 -19.81 -11.61
N LYS A 127 13.35 -19.11 -12.41
CA LYS A 127 13.30 -19.28 -13.87
C LYS A 127 12.58 -20.54 -14.34
N GLU A 128 12.08 -21.35 -13.40
CA GLU A 128 11.44 -22.62 -13.76
C GLU A 128 9.93 -22.61 -13.62
N HIS A 129 9.44 -21.91 -12.60
CA HIS A 129 8.00 -21.88 -12.31
C HIS A 129 7.36 -20.52 -12.50
N PRO A 130 6.07 -20.50 -12.87
CA PRO A 130 5.31 -19.26 -12.92
C PRO A 130 4.95 -18.77 -11.51
N TYR A 131 4.29 -17.62 -11.43
CA TYR A 131 4.03 -16.95 -10.14
C TYR A 131 2.80 -16.05 -10.29
N LEU A 132 1.98 -16.00 -9.25
CA LEU A 132 0.80 -15.18 -9.24
C LEU A 132 0.74 -14.44 -7.93
N PHE A 133 0.41 -13.14 -7.97
CA PHE A 133 0.09 -12.41 -6.73
C PHE A 133 -1.07 -11.42 -6.89
N SER A 134 -1.79 -11.18 -5.80
CA SER A 134 -2.88 -10.20 -5.83
C SER A 134 -2.51 -8.89 -5.12
N GLN A 135 -3.31 -7.87 -5.43
CA GLN A 135 -3.29 -6.59 -4.72
C GLN A 135 -4.69 -5.97 -4.83
N CYS A 136 -5.48 -6.08 -3.75
CA CYS A 136 -6.88 -5.68 -3.80
C CYS A 136 -7.17 -4.22 -3.45
N GLN A 137 -6.33 -3.63 -2.61
CA GLN A 137 -6.56 -2.24 -2.20
C GLN A 137 -6.36 -1.32 -3.42
N ALA A 138 -7.29 -0.41 -3.69
CA ALA A 138 -8.50 -0.16 -2.86
C ALA A 138 -9.69 -1.02 -3.24
N ILE A 139 -9.96 -1.06 -4.55
CA ILE A 139 -11.21 -1.63 -5.07
C ILE A 139 -10.96 -2.66 -6.20
N HIS A 140 -10.04 -3.57 -5.95
CA HIS A 140 -9.75 -4.63 -6.91
C HIS A 140 -10.22 -6.01 -6.48
N CYS A 141 -10.73 -6.14 -5.24
CA CYS A 141 -11.25 -7.43 -4.84
C CYS A 141 -12.35 -7.90 -5.79
N ARG A 142 -13.14 -6.94 -6.29
CA ARG A 142 -14.19 -7.19 -7.28
C ARG A 142 -13.67 -7.82 -8.57
N ALA A 143 -12.38 -7.62 -8.86
CA ALA A 143 -11.72 -8.21 -10.03
C ALA A 143 -11.22 -9.64 -9.77
N ILE A 144 -11.42 -10.13 -8.54
CA ILE A 144 -11.13 -11.51 -8.18
C ILE A 144 -12.42 -12.31 -7.98
N LEU A 145 -13.38 -11.72 -7.26
CA LEU A 145 -14.60 -12.46 -6.90
C LEU A 145 -15.75 -11.47 -6.63
N PRO A 146 -17.00 -11.91 -6.81
CA PRO A 146 -18.10 -11.00 -6.55
C PRO A 146 -18.23 -10.76 -5.06
N CYS A 147 -18.36 -9.49 -4.66
CA CYS A 147 -18.42 -9.09 -3.26
C CYS A 147 -18.96 -7.67 -3.10
N GLN A 148 -19.31 -7.32 -1.86
CA GLN A 148 -19.60 -5.95 -1.54
C GLN A 148 -18.25 -5.26 -1.34
N ASP A 149 -17.71 -4.67 -2.42
CA ASP A 149 -16.32 -4.22 -2.42
C ASP A 149 -16.16 -2.84 -1.81
N THR A 150 -16.41 -2.79 -0.51
CA THR A 150 -16.42 -1.57 0.29
C THR A 150 -15.85 -1.89 1.67
N PRO A 151 -15.01 -1.01 2.20
CA PRO A 151 -14.39 -1.28 3.48
C PRO A 151 -15.35 -1.06 4.65
N SER A 152 -16.59 -0.65 4.34
CA SER A 152 -17.63 -0.48 5.37
C SER A 152 -18.22 -1.82 5.83
N VAL A 153 -17.84 -2.89 5.17
CA VAL A 153 -18.33 -4.24 5.50
C VAL A 153 -17.13 -5.10 5.89
N LYS A 154 -17.23 -5.78 7.04
CA LYS A 154 -16.17 -6.71 7.47
C LYS A 154 -16.70 -8.14 7.59
N LEU A 155 -15.87 -9.06 7.13
CA LEU A 155 -16.25 -10.48 7.07
C LEU A 155 -15.08 -11.34 7.44
N THR A 156 -15.36 -12.53 7.95
CA THR A 156 -14.36 -13.58 8.13
C THR A 156 -14.29 -14.39 6.83
N TYR A 157 -13.23 -15.17 6.66
CA TYR A 157 -13.16 -16.00 5.46
C TYR A 157 -12.45 -17.34 5.65
N THR A 158 -12.84 -18.31 4.84
CA THR A 158 -12.12 -19.56 4.71
C THR A 158 -11.90 -19.76 3.21
N ALA A 159 -10.85 -20.49 2.84
CA ALA A 159 -10.57 -20.73 1.44
C ALA A 159 -9.86 -22.07 1.25
N GLU A 160 -10.17 -22.73 0.14
CA GLU A 160 -9.42 -23.90 -0.34
C GLU A 160 -8.92 -23.56 -1.74
N VAL A 161 -7.61 -23.64 -1.96
CA VAL A 161 -6.99 -23.19 -3.22
C VAL A 161 -6.20 -24.32 -3.90
N SER A 162 -6.65 -24.73 -5.09
CA SER A 162 -5.97 -25.80 -5.83
C SER A 162 -4.95 -25.22 -6.81
N VAL A 163 -3.73 -25.72 -6.71
CA VAL A 163 -2.57 -25.18 -7.44
C VAL A 163 -1.71 -26.34 -7.95
N PRO A 164 -0.90 -26.11 -9.01
CA PRO A 164 0.06 -27.16 -9.36
C PRO A 164 0.88 -27.58 -8.13
N LYS A 165 1.11 -28.89 -8.00
CA LYS A 165 1.64 -29.45 -6.75
C LYS A 165 3.05 -29.00 -6.40
N GLU A 166 3.83 -28.58 -7.39
CA GLU A 166 5.19 -28.09 -7.13
C GLU A 166 5.20 -26.66 -6.61
N LEU A 167 4.02 -26.01 -6.58
CA LEU A 167 3.91 -24.63 -6.12
C LEU A 167 3.22 -24.53 -4.76
N VAL A 168 3.31 -23.34 -4.14
CA VAL A 168 2.79 -23.08 -2.80
C VAL A 168 1.78 -21.92 -2.86
N ALA A 169 0.63 -22.09 -2.22
CA ALA A 169 -0.34 -21.02 -2.05
C ALA A 169 -0.21 -20.43 -0.66
N LEU A 170 -0.24 -19.10 -0.58
CA LEU A 170 -0.43 -18.40 0.69
C LEU A 170 -1.54 -17.34 0.60
N MET A 171 -2.19 -17.06 1.73
CA MET A 171 -3.24 -16.04 1.81
C MET A 171 -3.13 -15.18 3.06
N SER A 172 -3.94 -14.11 3.14
CA SER A 172 -3.97 -13.22 4.31
C SER A 172 -4.81 -13.87 5.43
N ALA A 173 -4.27 -14.93 6.01
CA ALA A 173 -5.03 -15.88 6.81
C ALA A 173 -4.09 -16.85 7.48
N ILE A 174 -4.60 -17.66 8.40
CA ILE A 174 -3.80 -18.69 9.04
C ILE A 174 -3.80 -19.94 8.14
N ARG A 175 -2.61 -20.47 7.86
CA ARG A 175 -2.49 -21.69 7.06
C ARG A 175 -3.19 -22.82 7.79
N ASP A 176 -4.05 -23.56 7.09
CA ASP A 176 -4.86 -24.58 7.74
C ASP A 176 -4.67 -25.98 7.14
N GLY A 177 -3.48 -26.23 6.59
CA GLY A 177 -3.15 -27.56 6.06
C GLY A 177 -3.12 -27.61 4.54
N GLU A 178 -2.61 -28.72 4.02
CA GLU A 178 -2.51 -28.97 2.58
C GLU A 178 -2.74 -30.45 2.32
N THR A 179 -3.33 -30.77 1.17
CA THR A 179 -3.51 -32.17 0.77
C THR A 179 -3.40 -32.29 -0.74
N PRO A 180 -3.20 -33.53 -1.25
CA PRO A 180 -3.33 -33.67 -2.70
C PRO A 180 -4.76 -33.38 -3.12
N ASP A 181 -4.93 -32.84 -4.31
CA ASP A 181 -6.24 -32.54 -4.87
C ASP A 181 -6.91 -33.86 -5.23
N PRO A 182 -8.03 -34.21 -4.55
CA PRO A 182 -8.69 -35.49 -4.83
C PRO A 182 -9.14 -35.63 -6.28
N GLU A 183 -9.38 -34.54 -6.97
CA GLU A 183 -9.81 -34.59 -8.36
C GLU A 183 -8.72 -34.35 -9.40
N ASP A 184 -7.46 -34.26 -8.95
CA ASP A 184 -6.30 -34.11 -9.85
C ASP A 184 -4.97 -34.31 -9.13
N PRO A 185 -4.29 -35.44 -9.42
CA PRO A 185 -3.01 -35.89 -8.86
C PRO A 185 -1.87 -34.89 -9.02
N SER A 186 -1.95 -34.03 -10.04
CA SER A 186 -0.88 -33.09 -10.34
C SER A 186 -1.02 -31.76 -9.58
N ARG A 187 -1.99 -31.73 -8.65
CA ARG A 187 -2.37 -30.51 -7.94
C ARG A 187 -2.45 -30.70 -6.44
N LYS A 188 -2.26 -29.61 -5.70
CA LYS A 188 -2.41 -29.60 -4.25
C LYS A 188 -3.51 -28.62 -3.88
N ILE A 189 -4.20 -28.89 -2.77
CA ILE A 189 -5.17 -27.96 -2.22
C ILE A 189 -4.58 -27.38 -0.93
N TYR A 190 -4.47 -26.05 -0.86
CA TYR A 190 -4.06 -25.40 0.38
C TYR A 190 -5.30 -24.77 1.01
N LYS A 191 -5.42 -24.93 2.32
CA LYS A 191 -6.56 -24.42 3.10
C LYS A 191 -6.13 -23.24 4.00
N PHE A 192 -7.06 -22.32 4.24
CA PHE A 192 -6.81 -21.07 4.98
C PHE A 192 -8.02 -20.66 5.82
N ILE A 193 -7.78 -20.07 7.00
CA ILE A 193 -8.85 -19.54 7.85
C ILE A 193 -8.49 -18.15 8.33
N GLN A 194 -9.35 -17.17 8.07
CA GLN A 194 -9.24 -15.85 8.69
C GLN A 194 -10.43 -15.65 9.65
N LYS A 195 -10.18 -15.79 10.95
CA LYS A 195 -11.19 -15.73 12.01
C LYS A 195 -11.53 -14.32 12.47
N VAL A 196 -10.70 -13.35 12.07
CA VAL A 196 -10.97 -11.97 12.44
C VAL A 196 -11.64 -11.27 11.27
N PRO A 197 -12.80 -10.60 11.52
CA PRO A 197 -13.51 -9.91 10.44
C PRO A 197 -12.66 -8.81 9.83
N ILE A 198 -12.60 -8.81 8.50
CA ILE A 198 -11.77 -7.87 7.75
C ILE A 198 -12.58 -7.28 6.61
N PRO A 199 -12.21 -6.05 6.19
CA PRO A 199 -12.76 -5.54 4.93
C PRO A 199 -12.16 -6.36 3.79
N CYS A 200 -12.87 -6.48 2.67
CA CYS A 200 -12.45 -7.40 1.64
C CYS A 200 -11.18 -6.95 0.90
N TYR A 201 -10.81 -5.67 1.01
CA TYR A 201 -9.56 -5.21 0.37
C TYR A 201 -8.32 -5.92 0.96
N LEU A 202 -8.50 -6.55 2.13
CA LEU A 202 -7.41 -7.27 2.78
C LEU A 202 -7.29 -8.76 2.42
N ILE A 203 -8.17 -9.24 1.54
CA ILE A 203 -8.04 -10.58 0.98
C ILE A 203 -6.84 -10.56 0.03
N ALA A 204 -5.93 -11.53 0.23
CA ALA A 204 -4.73 -11.63 -0.61
C ALA A 204 -4.36 -13.09 -0.87
N LEU A 205 -3.69 -13.31 -2.01
CA LEU A 205 -3.32 -14.65 -2.47
C LEU A 205 -2.00 -14.55 -3.20
N VAL A 206 -1.06 -15.42 -2.86
CA VAL A 206 0.15 -15.61 -3.69
C VAL A 206 0.26 -17.10 -4.04
N VAL A 207 0.71 -17.39 -5.25
CA VAL A 207 1.03 -18.76 -5.66
C VAL A 207 2.37 -18.77 -6.41
N GLY A 208 3.32 -19.53 -5.90
CA GLY A 208 4.64 -19.61 -6.54
C GLY A 208 5.55 -20.61 -5.89
N ALA A 209 6.81 -20.64 -6.36
CA ALA A 209 7.85 -21.48 -5.79
C ALA A 209 8.45 -20.86 -4.53
N LEU A 210 7.71 -21.00 -3.43
CA LEU A 210 8.01 -20.26 -2.20
C LEU A 210 8.69 -21.14 -1.17
N GLU A 211 9.64 -20.54 -0.46
CA GLU A 211 10.32 -21.20 0.65
C GLU A 211 10.21 -20.29 1.85
N SER A 212 10.34 -20.82 3.06
CA SER A 212 10.22 -20.02 4.28
C SER A 212 11.37 -20.23 5.24
N ARG A 213 11.64 -19.19 6.04
CA ARG A 213 12.60 -19.25 7.11
C ARG A 213 12.04 -18.50 8.31
N GLN A 214 12.15 -19.11 9.48
CA GLN A 214 11.69 -18.44 10.70
C GLN A 214 12.67 -17.34 11.12
N ILE A 215 12.14 -16.18 11.55
CA ILE A 215 13.00 -15.08 12.01
C ILE A 215 12.54 -14.53 13.36
N GLY A 216 11.46 -15.09 13.92
CA GLY A 216 10.97 -14.66 15.21
C GLY A 216 9.93 -15.62 15.74
N PRO A 217 9.49 -15.43 17.01
CA PRO A 217 8.55 -16.41 17.59
C PRO A 217 7.23 -16.54 16.83
N ARG A 218 6.83 -15.51 16.08
CA ARG A 218 5.59 -15.55 15.31
C ARG A 218 5.73 -15.06 13.87
N THR A 219 6.93 -15.16 13.30
CA THR A 219 7.22 -14.62 11.97
C THR A 219 8.08 -15.54 11.15
N LEU A 220 7.56 -15.94 9.98
CA LEU A 220 8.36 -16.52 8.92
C LEU A 220 8.46 -15.53 7.77
N VAL A 221 9.63 -15.46 7.14
CA VAL A 221 9.77 -14.79 5.86
C VAL A 221 9.62 -15.83 4.76
N TRP A 222 8.79 -15.49 3.77
CA TRP A 222 8.55 -16.31 2.59
C TRP A 222 9.07 -15.57 1.37
N SER A 223 9.74 -16.28 0.47
CA SER A 223 10.09 -15.73 -0.84
C SER A 223 10.58 -16.86 -1.73
N GLU A 224 10.91 -16.55 -2.99
CA GLU A 224 11.66 -17.54 -3.75
C GLU A 224 12.99 -17.81 -3.03
N LYS A 225 13.53 -19.01 -3.25
CA LYS A 225 14.74 -19.48 -2.57
C LYS A 225 15.92 -18.49 -2.63
N GLU A 226 16.11 -17.86 -3.79
CA GLU A 226 17.23 -16.94 -4.02
C GLU A 226 17.22 -15.74 -3.07
N GLN A 227 16.06 -15.41 -2.51
CA GLN A 227 15.94 -14.21 -1.65
C GLN A 227 15.73 -14.47 -0.16
N VAL A 228 15.58 -15.74 0.22
CA VAL A 228 15.29 -16.06 1.61
C VAL A 228 16.37 -15.56 2.59
N GLU A 229 17.64 -15.83 2.30
CA GLU A 229 18.70 -15.51 3.27
C GLU A 229 18.79 -14.00 3.50
N LYS A 230 18.85 -13.26 2.40
CA LYS A 230 18.94 -11.81 2.46
C LYS A 230 17.75 -11.19 3.21
N SER A 231 16.55 -11.71 2.95
CA SER A 231 15.30 -11.21 3.56
C SER A 231 15.24 -11.47 5.06
N ALA A 232 15.70 -12.64 5.48
CA ALA A 232 15.74 -12.99 6.91
C ALA A 232 16.60 -11.99 7.70
N TYR A 233 17.74 -11.60 7.12
CA TYR A 233 18.61 -10.64 7.76
C TYR A 233 18.01 -9.23 7.69
N GLU A 234 17.49 -8.86 6.52
CA GLU A 234 17.00 -7.49 6.29
C GLU A 234 15.88 -7.14 7.26
N PHE A 235 15.02 -8.12 7.51
CA PHE A 235 13.84 -7.95 8.35
C PHE A 235 13.94 -8.55 9.75
N SER A 236 15.15 -8.74 10.26
CA SER A 236 15.37 -9.32 11.60
C SER A 236 14.86 -8.48 12.77
N GLU A 237 14.56 -7.20 12.55
CA GLU A 237 14.00 -6.33 13.62
C GLU A 237 12.48 -6.53 13.83
N THR A 238 11.87 -7.38 13.01
CA THR A 238 10.41 -7.54 12.99
C THR A 238 9.78 -7.82 14.37
N GLU A 239 10.27 -8.84 15.07
CA GLU A 239 9.74 -9.13 16.42
C GLU A 239 9.87 -7.97 17.40
N SER A 240 11.01 -7.28 17.41
CA SER A 240 11.20 -6.16 18.32
C SER A 240 10.21 -5.04 18.00
N MET A 241 9.95 -4.82 16.72
CA MET A 241 8.94 -3.85 16.29
C MET A 241 7.53 -4.26 16.68
N LEU A 242 7.19 -5.55 16.52
CA LEU A 242 5.87 -6.05 16.96
C LEU A 242 5.67 -5.84 18.44
N LYS A 243 6.72 -6.09 19.24
CA LYS A 243 6.64 -5.80 20.69
C LYS A 243 6.30 -4.35 21.04
N ILE A 244 6.95 -3.41 20.35
CA ILE A 244 6.72 -1.99 20.59
C ILE A 244 5.31 -1.60 20.13
N ALA A 245 4.93 -2.10 18.96
CA ALA A 245 3.60 -1.90 18.40
C ALA A 245 2.51 -2.35 19.36
N GLU A 246 2.68 -3.52 19.98
CA GLU A 246 1.73 -4.03 20.97
C GLU A 246 1.67 -3.16 22.20
N ASP A 247 2.81 -2.67 22.64
CA ASP A 247 2.83 -1.75 23.75
C ASP A 247 2.01 -0.50 23.41
N LEU A 248 2.20 0.06 22.21
CA LEU A 248 1.47 1.26 21.79
C LEU A 248 0.02 1.02 21.42
N GLY A 249 -0.29 -0.11 20.82
CA GLY A 249 -1.63 -0.29 20.25
C GLY A 249 -2.54 -1.26 20.97
N GLY A 250 -1.96 -2.05 21.88
CA GLY A 250 -2.72 -3.12 22.51
C GLY A 250 -2.41 -4.44 21.83
N PRO A 251 -3.12 -5.50 22.23
CA PRO A 251 -2.88 -6.87 21.76
C PRO A 251 -2.81 -6.98 20.25
N TYR A 252 -1.82 -7.71 19.74
CA TYR A 252 -1.80 -8.14 18.35
C TYR A 252 -2.78 -9.30 18.24
N VAL A 253 -3.85 -9.15 17.46
CA VAL A 253 -4.97 -10.14 17.51
C VAL A 253 -4.94 -11.19 16.40
N TRP A 254 -3.97 -11.08 15.50
CA TRP A 254 -4.03 -11.82 14.25
C TRP A 254 -3.28 -13.16 14.25
N GLY A 255 -2.71 -13.51 15.39
CA GLY A 255 -1.95 -14.77 15.53
C GLY A 255 -0.53 -14.62 14.97
N GLN A 256 -0.38 -14.94 13.70
CA GLN A 256 0.92 -14.87 13.03
C GLN A 256 1.20 -13.48 12.44
N TYR A 257 2.48 -13.10 12.39
CA TYR A 257 2.91 -11.99 11.54
C TYR A 257 4.04 -12.43 10.60
N ASP A 258 3.66 -12.95 9.44
CA ASP A 258 4.61 -13.41 8.44
C ASP A 258 4.88 -12.32 7.43
N LEU A 259 6.01 -12.46 6.74
CA LEU A 259 6.37 -11.56 5.65
C LEU A 259 6.51 -12.35 4.37
N LEU A 260 6.07 -11.74 3.28
CA LEU A 260 6.27 -12.27 1.95
C LEU A 260 7.03 -11.22 1.14
N VAL A 261 8.17 -11.61 0.58
CA VAL A 261 8.94 -10.71 -0.27
C VAL A 261 8.58 -11.08 -1.70
N LEU A 262 7.93 -10.15 -2.40
CA LEU A 262 7.39 -10.38 -3.73
C LEU A 262 8.47 -10.23 -4.79
N PRO A 263 8.15 -10.60 -6.05
CA PRO A 263 9.06 -10.28 -7.14
C PRO A 263 9.05 -8.76 -7.38
N PRO A 264 10.00 -8.25 -8.19
CA PRO A 264 10.25 -6.79 -8.23
C PRO A 264 9.10 -5.94 -8.76
N SER A 265 8.17 -6.55 -9.51
CA SER A 265 7.03 -5.80 -10.07
C SER A 265 5.94 -5.45 -9.04
N PHE A 266 6.10 -5.92 -7.79
CA PHE A 266 5.13 -5.53 -6.76
C PHE A 266 4.97 -3.99 -6.68
N PRO A 267 3.72 -3.50 -6.74
CA PRO A 267 3.56 -2.04 -6.99
C PRO A 267 3.80 -1.09 -5.81
N TYR A 268 3.83 -1.61 -4.59
CA TYR A 268 4.00 -0.74 -3.41
C TYR A 268 5.15 -1.21 -2.52
N GLY A 269 5.55 -0.35 -1.60
CA GLY A 269 6.57 -0.70 -0.60
C GLY A 269 6.13 -1.91 0.22
N GLY A 270 4.86 -1.91 0.62
CA GLY A 270 4.31 -3.05 1.35
C GLY A 270 2.80 -3.05 1.23
N MET A 271 2.16 -4.10 1.71
CA MET A 271 0.68 -4.13 1.80
C MET A 271 0.35 -4.94 3.03
N GLU A 272 -0.47 -4.34 3.91
CA GLU A 272 -0.68 -4.86 5.27
C GLU A 272 -1.63 -6.07 5.33
N ASN A 273 -1.45 -7.05 4.44
CA ASN A 273 -2.41 -8.16 4.37
C ASN A 273 -2.31 -8.88 5.71
N PRO A 274 -3.47 -9.11 6.36
CA PRO A 274 -3.42 -9.65 7.73
C PRO A 274 -2.80 -11.06 7.74
N CYS A 275 -1.93 -11.32 8.72
CA CYS A 275 -1.18 -12.58 8.86
C CYS A 275 0.00 -12.72 7.89
N LEU A 276 0.04 -11.90 6.85
CA LEU A 276 1.05 -12.01 5.80
C LEU A 276 1.26 -10.68 5.10
N THR A 277 2.11 -9.84 5.68
CA THR A 277 2.47 -8.58 5.01
C THR A 277 3.22 -8.88 3.72
N PHE A 278 2.85 -8.19 2.65
CA PHE A 278 3.59 -8.24 1.36
C PHE A 278 4.58 -7.07 1.31
N VAL A 279 5.81 -7.31 0.88
CA VAL A 279 6.81 -6.25 0.75
C VAL A 279 7.58 -6.31 -0.59
N THR A 280 7.98 -5.14 -1.08
CA THR A 280 8.83 -5.03 -2.27
C THR A 280 10.22 -5.57 -1.98
N PRO A 281 10.85 -6.24 -2.97
CA PRO A 281 12.26 -6.63 -2.80
C PRO A 281 13.21 -5.43 -2.84
N THR A 282 12.69 -4.25 -3.20
CA THR A 282 13.52 -3.03 -3.18
C THR A 282 13.85 -2.58 -1.75
N LEU A 283 13.27 -3.24 -0.73
CA LEU A 283 13.69 -3.06 0.66
C LEU A 283 15.04 -3.73 0.99
N LEU A 284 15.52 -4.62 0.13
CA LEU A 284 16.69 -5.42 0.47
C LEU A 284 18.00 -4.64 0.28
N ALA A 285 18.17 -3.61 1.10
CA ALA A 285 19.33 -2.73 1.05
C ALA A 285 20.62 -3.38 1.57
N GLY A 286 20.48 -4.45 2.35
CA GLY A 286 21.63 -5.12 2.95
C GLY A 286 22.03 -4.59 4.32
N ASP A 287 21.38 -3.55 4.80
CA ASP A 287 21.73 -3.00 6.11
C ASP A 287 20.53 -2.67 7.02
N LYS A 288 19.34 -3.18 6.68
CA LYS A 288 18.12 -2.92 7.46
C LYS A 288 17.66 -1.45 7.47
N SER A 289 18.27 -0.62 6.64
CA SER A 289 18.02 0.84 6.63
C SER A 289 16.61 1.24 6.13
N LEU A 290 15.93 0.34 5.42
CA LEU A 290 14.57 0.65 4.92
C LEU A 290 13.46 -0.02 5.76
N SER A 291 13.79 -0.41 6.99
CA SER A 291 12.86 -1.17 7.83
C SER A 291 11.69 -0.35 8.37
N ASN A 292 11.68 0.96 8.10
CA ASN A 292 10.50 1.76 8.49
C ASN A 292 9.24 1.25 7.76
N VAL A 293 9.43 0.73 6.55
CA VAL A 293 8.34 0.13 5.79
C VAL A 293 7.71 -1.04 6.56
N ILE A 294 8.54 -1.87 7.18
CA ILE A 294 8.05 -2.97 8.04
C ILE A 294 7.30 -2.41 9.25
N ALA A 295 7.86 -1.38 9.89
CA ALA A 295 7.20 -0.73 11.02
C ALA A 295 5.84 -0.22 10.62
N HIS A 296 5.76 0.31 9.39
CA HIS A 296 4.51 0.81 8.84
C HIS A 296 3.51 -0.34 8.68
N GLU A 297 3.93 -1.42 8.05
CA GLU A 297 3.01 -2.54 7.80
C GLU A 297 2.54 -3.18 9.10
N ILE A 298 3.45 -3.32 10.05
CA ILE A 298 3.12 -3.82 11.39
C ILE A 298 2.03 -2.92 12.01
N SER A 299 2.23 -1.61 11.93
CA SER A 299 1.29 -0.64 12.53
C SER A 299 -0.13 -0.76 12.02
N HIS A 300 -0.28 -1.03 10.71
CA HIS A 300 -1.61 -1.29 10.12
C HIS A 300 -2.41 -2.41 10.78
N SER A 301 -1.74 -3.34 11.45
CA SER A 301 -2.43 -4.37 12.26
C SER A 301 -3.40 -3.78 13.30
N TRP A 302 -3.18 -2.51 13.64
CA TRP A 302 -4.10 -1.76 14.49
C TRP A 302 -4.84 -0.71 13.66
N THR A 303 -4.10 0.22 13.07
CA THR A 303 -4.68 1.34 12.34
C THR A 303 -4.82 1.00 10.88
N GLY A 304 -6.04 0.63 10.50
CA GLY A 304 -6.35 0.13 9.17
C GLY A 304 -7.07 -1.21 9.25
N ASN A 305 -6.42 -2.21 9.85
CA ASN A 305 -6.96 -3.57 9.82
C ASN A 305 -7.93 -3.83 10.97
N LEU A 306 -7.73 -3.13 12.08
CA LEU A 306 -8.68 -3.23 13.20
C LEU A 306 -9.67 -2.08 13.15
N VAL A 307 -9.15 -0.85 13.17
CA VAL A 307 -9.97 0.34 12.91
C VAL A 307 -9.78 0.66 11.45
N THR A 308 -10.87 0.65 10.70
CA THR A 308 -10.82 0.75 9.23
C THR A 308 -11.60 2.00 8.72
N ASN A 309 -11.08 2.66 7.67
CA ASN A 309 -11.82 3.73 6.96
C ASN A 309 -13.10 3.21 6.36
N LYS A 310 -14.22 3.90 6.64
CA LYS A 310 -15.54 3.47 6.17
C LYS A 310 -15.69 3.57 4.65
N THR A 311 -15.10 4.61 4.07
CA THR A 311 -15.01 4.72 2.61
C THR A 311 -13.62 5.24 2.31
N TRP A 312 -13.27 5.27 1.03
CA TRP A 312 -11.93 5.68 0.63
C TRP A 312 -11.73 7.18 0.70
N ASP A 313 -12.82 7.94 0.88
CA ASP A 313 -12.71 9.36 1.16
C ASP A 313 -11.96 9.61 2.45
N HIS A 314 -12.00 8.63 3.35
CA HIS A 314 -11.38 8.78 4.68
C HIS A 314 -10.09 7.98 4.85
N PHE A 315 -9.44 7.68 3.73
CA PHE A 315 -8.17 6.93 3.67
C PHE A 315 -7.11 7.49 4.59
N TRP A 316 -7.09 8.81 4.77
CA TRP A 316 -6.14 9.41 5.70
C TRP A 316 -6.20 8.78 7.10
N LEU A 317 -7.38 8.30 7.52
CA LEU A 317 -7.50 7.69 8.84
C LEU A 317 -6.60 6.46 8.95
N ASN A 318 -6.66 5.61 7.94
CA ASN A 318 -5.76 4.47 7.79
C ASN A 318 -4.29 4.89 7.79
N GLU A 319 -3.93 5.83 6.91
CA GLU A 319 -2.50 6.08 6.64
C GLU A 319 -1.83 7.03 7.60
N GLY A 320 -2.49 8.15 7.90
CA GLY A 320 -1.97 9.11 8.87
C GLY A 320 -1.66 8.50 10.22
N HIS A 321 -2.60 7.74 10.79
CA HIS A 321 -2.36 7.08 12.08
C HIS A 321 -1.28 6.00 12.00
N THR A 322 -1.23 5.30 10.87
CA THR A 322 -0.20 4.28 10.64
C THR A 322 1.18 4.91 10.56
N VAL A 323 1.33 6.04 9.85
CA VAL A 323 2.63 6.71 9.79
C VAL A 323 3.01 7.22 11.18
N TYR A 324 1.99 7.66 11.94
CA TYR A 324 2.23 8.19 13.28
C TYR A 324 2.79 7.08 14.18
N LEU A 325 2.18 5.90 14.15
CA LEU A 325 2.68 4.72 14.88
C LEU A 325 4.03 4.23 14.36
N GLU A 326 4.18 4.21 13.04
CA GLU A 326 5.43 3.86 12.38
C GLU A 326 6.61 4.67 12.93
N ARG A 327 6.40 5.98 13.07
CA ARG A 327 7.48 6.87 13.50
C ARG A 327 7.82 6.74 14.98
N HIS A 328 6.80 6.41 15.77
CA HIS A 328 6.97 6.05 17.17
C HIS A 328 7.77 4.76 17.38
N ILE A 329 7.54 3.75 16.55
CA ILE A 329 8.28 2.48 16.61
C ILE A 329 9.76 2.76 16.35
N CYS A 330 10.01 3.57 15.32
CA CYS A 330 11.37 3.86 14.90
C CYS A 330 12.02 4.79 15.92
N GLY A 331 11.23 5.66 16.53
CA GLY A 331 11.69 6.55 17.58
C GLY A 331 12.07 5.80 18.86
N ARG A 332 11.29 4.76 19.17
CA ARG A 332 11.61 3.89 20.30
C ARG A 332 12.94 3.16 20.05
N LEU A 333 13.10 2.61 18.86
CA LEU A 333 14.32 1.88 18.51
C LEU A 333 15.56 2.76 18.42
N PHE A 334 15.42 3.96 17.88
CA PHE A 334 16.57 4.77 17.47
C PHE A 334 16.63 6.16 18.07
N GLY A 335 15.63 6.53 18.86
CA GLY A 335 15.65 7.80 19.59
C GLY A 335 14.70 8.83 19.07
N GLU A 336 14.29 9.74 19.96
CA GLU A 336 13.35 10.80 19.66
C GLU A 336 13.88 11.78 18.60
N LYS A 337 15.20 12.03 18.61
CA LYS A 337 15.81 12.86 17.55
C LYS A 337 15.62 12.25 16.15
N PHE A 338 15.67 10.92 16.09
CA PHE A 338 15.43 10.20 14.83
C PHE A 338 13.97 10.32 14.39
N ARG A 339 13.02 10.17 15.35
CA ARG A 339 11.60 10.40 15.03
C ARG A 339 11.35 11.80 14.46
N HIS A 340 11.92 12.83 15.08
CA HIS A 340 11.80 14.18 14.56
C HIS A 340 12.41 14.34 13.14
N PHE A 341 13.55 13.68 12.91
CA PHE A 341 14.19 13.69 11.58
C PHE A 341 13.30 13.08 10.51
N ASN A 342 12.69 11.94 10.84
CA ASN A 342 11.76 11.30 9.90
C ASN A 342 10.51 12.12 9.68
N ALA A 343 9.98 12.71 10.76
CA ALA A 343 8.80 13.57 10.66
C ALA A 343 9.05 14.75 9.75
N LEU A 344 10.24 15.37 9.89
CA LEU A 344 10.60 16.53 9.07
C LEU A 344 10.82 16.15 7.61
N GLY A 345 11.47 15.01 7.38
CA GLY A 345 11.51 14.42 6.04
C GLY A 345 10.12 14.22 5.43
N GLY A 346 9.16 13.77 6.22
CA GLY A 346 7.79 13.56 5.73
C GLY A 346 7.11 14.87 5.33
N TRP A 347 7.37 15.93 6.10
CA TRP A 347 6.88 17.26 5.71
C TRP A 347 7.45 17.70 4.35
N GLY A 348 8.73 17.43 4.11
CA GLY A 348 9.36 17.67 2.81
C GLY A 348 8.67 16.92 1.69
N GLU A 349 8.26 15.68 1.94
CA GLU A 349 7.55 14.87 0.93
C GLU A 349 6.16 15.44 0.67
N LEU A 350 5.53 15.96 1.71
CA LEU A 350 4.26 16.67 1.55
C LEU A 350 4.42 17.94 0.67
N GLN A 351 5.46 18.72 0.95
CA GLN A 351 5.78 19.88 0.08
C GLN A 351 5.88 19.47 -1.38
N ASN A 352 6.58 18.36 -1.63
CA ASN A 352 6.74 17.84 -2.99
C ASN A 352 5.40 17.46 -3.61
N SER A 353 4.56 16.78 -2.85
CA SER A 353 3.25 16.36 -3.37
C SER A 353 2.37 17.56 -3.75
N VAL A 354 2.36 18.56 -2.87
CA VAL A 354 1.54 19.75 -3.06
C VAL A 354 2.06 20.56 -4.25
N LYS A 355 3.38 20.68 -4.37
CA LYS A 355 3.96 21.39 -5.49
C LYS A 355 3.58 20.69 -6.80
N THR A 356 3.69 19.37 -6.83
CA THR A 356 3.39 18.56 -8.01
C THR A 356 1.91 18.68 -8.45
N PHE A 357 0.98 18.58 -7.50
CA PHE A 357 -0.44 18.64 -7.81
C PHE A 357 -0.87 20.07 -8.08
N GLY A 358 -0.30 20.99 -7.33
CA GLY A 358 -0.77 22.37 -7.32
C GLY A 358 -1.47 22.58 -6.00
N GLU A 359 -1.23 23.75 -5.41
CA GLU A 359 -1.67 24.01 -4.05
C GLU A 359 -3.19 24.15 -3.87
N THR A 360 -3.94 24.22 -4.96
CA THR A 360 -5.39 24.25 -4.88
C THR A 360 -6.03 22.95 -5.40
N HIS A 361 -5.22 21.96 -5.77
CA HIS A 361 -5.73 20.68 -6.30
C HIS A 361 -6.55 19.91 -5.24
N PRO A 362 -7.69 19.31 -5.65
CA PRO A 362 -8.56 18.59 -4.70
C PRO A 362 -7.91 17.38 -4.02
N PHE A 363 -6.94 16.75 -4.70
CA PHE A 363 -6.25 15.58 -4.13
C PHE A 363 -5.26 15.98 -3.02
N THR A 364 -5.10 17.29 -2.77
CA THR A 364 -4.24 17.76 -1.67
C THR A 364 -5.05 18.04 -0.42
N LYS A 365 -6.36 17.80 -0.51
CA LYS A 365 -7.23 17.84 0.65
C LYS A 365 -7.00 16.58 1.44
N LEU A 366 -7.12 16.68 2.76
CA LEU A 366 -6.96 15.54 3.63
C LEU A 366 -8.08 14.53 3.43
N VAL A 367 -9.31 15.02 3.54
CA VAL A 367 -10.50 14.26 3.19
C VAL A 367 -10.84 14.60 1.74
N VAL A 368 -10.94 13.59 0.90
CA VAL A 368 -11.16 13.81 -0.53
C VAL A 368 -12.54 13.31 -0.93
N ASP A 369 -13.04 13.74 -2.08
CA ASP A 369 -14.33 13.26 -2.58
C ASP A 369 -14.05 12.44 -3.81
N LEU A 370 -14.19 11.12 -3.71
CA LEU A 370 -13.78 10.22 -4.78
C LEU A 370 -14.88 9.89 -5.81
N THR A 371 -16.02 10.57 -5.72
CA THR A 371 -17.08 10.47 -6.73
C THR A 371 -16.49 10.60 -8.13
N ASP A 372 -16.64 9.56 -8.92
CA ASP A 372 -16.16 9.59 -10.31
C ASP A 372 -14.64 9.70 -10.45
N ILE A 373 -13.90 9.45 -9.37
CA ILE A 373 -12.43 9.41 -9.41
C ILE A 373 -11.97 7.99 -9.09
N ASP A 374 -11.12 7.44 -9.95
CA ASP A 374 -10.44 6.17 -9.69
C ASP A 374 -9.45 6.35 -8.50
N PRO A 375 -9.64 5.60 -7.39
CA PRO A 375 -8.71 5.76 -6.25
C PRO A 375 -7.22 5.60 -6.61
N ASP A 376 -6.89 4.73 -7.58
CA ASP A 376 -5.50 4.58 -8.04
C ASP A 376 -4.88 5.83 -8.63
N VAL A 377 -5.73 6.66 -9.23
CA VAL A 377 -5.33 7.92 -9.82
C VAL A 377 -5.16 8.99 -8.76
N ALA A 378 -6.00 8.93 -7.73
CA ALA A 378 -5.96 9.88 -6.62
C ALA A 378 -4.84 9.60 -5.60
N TYR A 379 -4.40 8.35 -5.54
CA TYR A 379 -3.35 7.91 -4.60
C TYR A 379 -2.07 8.79 -4.61
N SER A 380 -1.63 9.24 -3.43
CA SER A 380 -0.42 10.06 -3.28
C SER A 380 0.06 10.04 -1.83
N SER A 381 1.15 10.77 -1.56
CA SER A 381 1.63 10.96 -0.18
C SER A 381 0.75 11.85 0.69
N VAL A 382 -0.24 12.52 0.11
CA VAL A 382 -1.02 13.47 0.91
C VAL A 382 -1.71 12.86 2.16
N PRO A 383 -2.50 11.80 1.99
CA PRO A 383 -3.16 11.23 3.16
C PRO A 383 -2.18 10.70 4.21
N TYR A 384 -1.01 10.23 3.78
CA TYR A 384 0.09 9.78 4.66
C TYR A 384 0.68 10.95 5.45
N GLU A 385 1.13 11.98 4.73
CA GLU A 385 1.91 13.05 5.34
C GLU A 385 1.11 14.24 5.86
N LYS A 386 0.00 14.56 5.21
CA LYS A 386 -0.87 15.60 5.76
C LYS A 386 -1.60 15.00 6.95
N GLY A 387 -1.92 13.71 6.87
CA GLY A 387 -2.49 12.99 8.00
C GLY A 387 -1.56 12.94 9.19
N PHE A 388 -0.31 12.53 8.94
CA PHE A 388 0.70 12.54 9.98
C PHE A 388 0.91 13.95 10.54
N ALA A 389 1.00 14.96 9.66
CA ALA A 389 1.23 16.35 10.14
C ALA A 389 0.15 16.82 11.12
N LEU A 390 -1.11 16.49 10.83
CA LEU A 390 -2.22 16.77 11.72
C LEU A 390 -2.05 16.15 13.12
N LEU A 391 -1.68 14.88 13.14
CA LEU A 391 -1.52 14.15 14.37
C LEU A 391 -0.34 14.63 15.18
N PHE A 392 0.76 14.97 14.50
CA PHE A 392 1.97 15.49 15.14
C PHE A 392 1.70 16.90 15.68
N TYR A 393 0.98 17.73 14.92
CA TYR A 393 0.50 19.03 15.42
C TYR A 393 -0.39 18.86 16.66
N LEU A 394 -1.31 17.90 16.62
CA LEU A 394 -2.22 17.63 17.75
C LEU A 394 -1.47 17.15 18.98
N GLU A 395 -0.51 16.22 18.77
CA GLU A 395 0.39 15.76 19.82
C GLU A 395 1.03 16.95 20.55
N GLN A 396 1.54 17.90 19.78
CA GLN A 396 2.27 19.04 20.34
C GLN A 396 1.33 20.03 21.04
N LEU A 397 0.09 20.10 20.58
CA LEU A 397 -0.91 21.00 21.12
C LEU A 397 -1.48 20.48 22.44
N LEU A 398 -1.62 19.16 22.54
CA LEU A 398 -2.32 18.51 23.63
C LEU A 398 -1.41 17.97 24.75
N GLY A 399 -0.13 18.30 24.71
CA GLY A 399 0.76 17.98 25.83
C GLY A 399 1.85 16.94 25.62
N GLY A 400 2.03 16.47 24.39
CA GLY A 400 3.16 15.60 24.11
C GLY A 400 2.88 14.17 23.68
N PRO A 401 3.94 13.44 23.31
CA PRO A 401 3.79 12.09 22.77
C PRO A 401 3.18 11.09 23.74
N GLU A 402 3.54 11.19 25.03
CA GLU A 402 2.97 10.25 26.00
C GLU A 402 1.46 10.40 26.10
N ILE A 403 1.00 11.64 26.20
CA ILE A 403 -0.43 11.95 26.24
C ILE A 403 -1.17 11.54 24.96
N PHE A 404 -0.60 11.85 23.81
CA PHE A 404 -1.28 11.56 22.55
C PHE A 404 -1.30 10.05 22.25
N LEU A 405 -0.27 9.33 22.68
CA LEU A 405 -0.27 7.87 22.53
C LEU A 405 -1.40 7.24 23.38
N GLY A 406 -1.70 7.85 24.52
CA GLY A 406 -2.83 7.41 25.37
C GLY A 406 -4.11 7.47 24.55
N PHE A 407 -4.27 8.56 23.80
CA PHE A 407 -5.42 8.74 22.91
C PHE A 407 -5.42 7.71 21.79
N LEU A 408 -4.26 7.50 21.18
CA LEU A 408 -4.16 6.54 20.09
C LEU A 408 -4.61 5.14 20.49
N LYS A 409 -4.13 4.66 21.64
CA LYS A 409 -4.50 3.34 22.14
C LYS A 409 -6.01 3.25 22.47
N ALA A 410 -6.54 4.31 23.06
CA ALA A 410 -7.97 4.37 23.40
C ALA A 410 -8.85 4.42 22.14
N TYR A 411 -8.36 5.11 21.10
CA TYR A 411 -9.02 5.15 19.80
C TYR A 411 -9.05 3.76 19.10
N VAL A 412 -7.95 3.03 19.14
CA VAL A 412 -7.90 1.67 18.59
C VAL A 412 -8.90 0.78 19.34
N GLU A 413 -8.85 0.88 20.66
CA GLU A 413 -9.75 0.13 21.52
C GLU A 413 -11.23 0.41 21.20
N LYS A 414 -11.60 1.69 21.20
CA LYS A 414 -12.98 2.11 20.88
C LYS A 414 -13.48 1.58 19.53
N PHE A 415 -12.67 1.69 18.49
CA PHE A 415 -13.18 1.42 17.15
C PHE A 415 -12.72 0.08 16.51
N SER A 416 -12.11 -0.79 17.31
CA SER A 416 -11.67 -2.12 16.84
C SER A 416 -12.83 -2.91 16.25
N TYR A 417 -12.55 -3.57 15.13
CA TYR A 417 -13.52 -4.36 14.40
C TYR A 417 -14.60 -3.51 13.73
N LYS A 418 -14.39 -2.19 13.66
CA LYS A 418 -15.37 -1.29 13.08
C LYS A 418 -14.80 -0.51 11.91
N SER A 419 -15.69 0.17 11.18
CA SER A 419 -15.34 1.05 10.07
C SER A 419 -15.91 2.46 10.33
N ILE A 420 -15.04 3.46 10.26
CA ILE A 420 -15.37 4.80 10.76
C ILE A 420 -15.05 5.92 9.79
N THR A 421 -15.65 7.09 10.04
CA THR A 421 -15.44 8.29 9.21
C THR A 421 -14.58 9.29 9.97
N THR A 422 -14.16 10.36 9.28
CA THR A 422 -13.40 11.44 9.91
C THR A 422 -14.22 12.04 11.07
N ASP A 423 -15.53 12.13 10.92
CA ASP A 423 -16.39 12.63 12.01
C ASP A 423 -16.36 11.79 13.28
N ASP A 424 -16.35 10.46 13.12
CA ASP A 424 -16.24 9.52 14.23
C ASP A 424 -14.94 9.75 14.97
N TRP A 425 -13.87 9.96 14.18
CA TRP A 425 -12.56 10.22 14.75
C TRP A 425 -12.55 11.53 15.52
N LYS A 426 -13.06 12.60 14.92
CA LYS A 426 -13.06 13.93 15.57
C LYS A 426 -13.92 13.94 16.84
N ASP A 427 -15.06 13.27 16.78
CA ASP A 427 -15.96 13.13 17.92
C ASP A 427 -15.24 12.43 19.08
N PHE A 428 -14.52 11.34 18.78
CA PHE A 428 -13.77 10.65 19.84
C PHE A 428 -12.60 11.48 20.39
N LEU A 429 -11.91 12.20 19.50
CA LEU A 429 -10.84 13.11 19.92
C LEU A 429 -11.37 14.12 20.96
N TYR A 430 -12.56 14.67 20.67
CA TYR A 430 -13.20 15.64 21.57
C TYR A 430 -13.68 15.00 22.87
N SER A 431 -14.11 13.74 22.77
CA SER A 431 -14.52 12.95 23.93
C SER A 431 -13.31 12.65 24.85
N TYR A 432 -12.24 12.11 24.25
CA TYR A 432 -11.06 11.74 25.00
C TYR A 432 -10.39 12.93 25.67
N PHE A 433 -10.32 14.04 24.95
CA PHE A 433 -9.68 15.26 25.47
C PHE A 433 -10.71 16.32 25.90
N LYS A 434 -11.83 15.88 26.45
CA LYS A 434 -12.89 16.83 26.83
C LYS A 434 -12.43 17.94 27.79
N ASP A 435 -11.40 17.65 28.59
CA ASP A 435 -10.81 18.66 29.47
C ASP A 435 -9.86 19.61 28.76
N LYS A 436 -9.71 19.44 27.46
CA LYS A 436 -8.83 20.30 26.66
C LYS A 436 -9.53 20.78 25.40
N VAL A 437 -10.87 20.87 25.46
CA VAL A 437 -11.68 21.26 24.30
C VAL A 437 -11.45 22.70 23.85
N ASP A 438 -11.03 23.56 24.78
CA ASP A 438 -10.76 24.96 24.45
C ASP A 438 -9.56 25.03 23.50
N VAL A 439 -8.55 24.23 23.80
CA VAL A 439 -7.37 24.07 22.94
C VAL A 439 -7.76 23.44 21.59
N LEU A 440 -8.61 22.42 21.63
CA LEU A 440 -9.09 21.76 20.40
C LEU A 440 -9.85 22.73 19.49
N ASN A 441 -10.63 23.62 20.11
CA ASN A 441 -11.41 24.60 19.37
C ASN A 441 -10.55 25.66 18.68
N GLN A 442 -9.28 25.75 19.07
CA GLN A 442 -8.35 26.65 18.38
C GLN A 442 -7.82 26.06 17.05
N VAL A 443 -8.07 24.76 16.81
CA VAL A 443 -7.64 24.14 15.55
C VAL A 443 -8.50 24.58 14.40
N ASP A 444 -7.88 24.93 13.28
CA ASP A 444 -8.61 25.29 12.08
C ASP A 444 -9.02 24.01 11.33
N TRP A 445 -10.11 23.41 11.81
CA TRP A 445 -10.55 22.08 11.35
C TRP A 445 -10.89 22.08 9.88
N ASN A 446 -11.56 23.14 9.44
CA ASN A 446 -11.97 23.24 8.06
C ASN A 446 -10.79 23.28 7.12
N ALA A 447 -9.73 24.01 7.53
CA ALA A 447 -8.51 24.06 6.74
C ALA A 447 -7.82 22.69 6.76
N TRP A 448 -7.52 22.17 7.94
CA TRP A 448 -6.82 20.88 8.10
C TRP A 448 -7.48 19.75 7.33
N LEU A 449 -8.80 19.62 7.51
CA LEU A 449 -9.55 18.47 6.97
C LEU A 449 -9.99 18.63 5.52
N TYR A 450 -10.40 19.84 5.13
CA TYR A 450 -11.12 20.03 3.87
C TYR A 450 -10.49 20.97 2.82
N SER A 451 -9.46 21.72 3.19
CA SER A 451 -8.82 22.64 2.24
C SER A 451 -7.62 22.02 1.53
N PRO A 452 -7.37 22.47 0.27
CA PRO A 452 -6.18 22.01 -0.44
C PRO A 452 -4.91 22.71 0.07
N GLY A 453 -3.75 22.27 -0.42
CA GLY A 453 -2.48 22.91 -0.08
C GLY A 453 -1.82 22.43 1.19
N LEU A 454 -0.68 23.04 1.52
CA LEU A 454 0.01 22.79 2.76
C LEU A 454 -0.90 23.11 3.97
N PRO A 455 -0.72 22.38 5.08
CA PRO A 455 -1.53 22.61 6.28
C PRO A 455 -1.42 24.07 6.75
N PRO A 456 -2.44 24.57 7.46
CA PRO A 456 -2.38 25.99 7.89
C PRO A 456 -1.29 26.28 8.93
N ILE A 457 -0.75 25.24 9.55
CA ILE A 457 0.25 25.37 10.59
C ILE A 457 1.23 24.20 10.44
N LYS A 458 2.52 24.50 10.58
CA LYS A 458 3.56 23.49 10.53
C LYS A 458 3.98 23.15 11.96
N PRO A 459 4.12 21.84 12.26
CA PRO A 459 4.58 21.45 13.60
C PRO A 459 6.01 21.91 13.92
N ASN A 460 6.40 21.76 15.19
CA ASN A 460 7.77 22.03 15.61
C ASN A 460 8.66 20.80 15.42
N TYR A 461 9.80 20.96 14.74
CA TYR A 461 10.68 19.82 14.50
C TYR A 461 12.07 20.05 15.07
N ASP A 462 12.55 19.13 15.90
CA ASP A 462 13.96 19.08 16.27
C ASP A 462 14.78 18.98 14.99
N MET A 463 15.89 19.73 14.95
CA MET A 463 16.71 19.86 13.74
C MET A 463 18.04 19.11 13.78
N THR A 464 18.36 18.45 14.90
CA THR A 464 19.71 17.91 15.16
C THR A 464 20.27 17.09 14.00
N LEU A 465 19.51 16.11 13.53
CA LEU A 465 20.01 15.21 12.47
C LEU A 465 19.89 15.82 11.07
N THR A 466 19.03 16.82 10.93
CA THR A 466 18.73 17.39 9.62
C THR A 466 19.78 18.45 9.23
N ASN A 467 20.35 19.11 10.24
CA ASN A 467 21.28 20.21 10.00
C ASN A 467 22.41 19.90 9.04
N ALA A 468 23.12 18.80 9.27
CA ALA A 468 24.23 18.40 8.40
C ALA A 468 23.79 18.17 6.95
N CYS A 469 22.56 17.66 6.76
CA CYS A 469 22.00 17.43 5.41
C CYS A 469 21.69 18.73 4.67
N ILE A 470 21.06 19.66 5.39
CA ILE A 470 20.82 20.99 4.83
C ILE A 470 22.12 21.72 4.54
N ALA A 471 23.08 21.64 5.45
CA ALA A 471 24.34 22.35 5.29
C ALA A 471 25.07 21.92 4.03
N LEU A 472 25.16 20.61 3.79
CA LEU A 472 25.84 20.07 2.60
C LEU A 472 25.07 20.39 1.32
N SER A 473 23.75 20.25 1.37
CA SER A 473 22.92 20.56 0.21
C SER A 473 23.09 22.02 -0.21
N GLN A 474 23.11 22.92 0.78
CA GLN A 474 23.32 24.36 0.54
C GLN A 474 24.71 24.68 0.00
N ARG A 475 25.73 23.97 0.48
CA ARG A 475 27.08 24.10 -0.08
C ARG A 475 27.07 23.87 -1.60
N TRP A 476 26.40 22.80 -2.00
CA TRP A 476 26.33 22.41 -3.40
C TRP A 476 25.51 23.39 -4.22
N ILE A 477 24.32 23.75 -3.72
CA ILE A 477 23.44 24.68 -4.43
C ILE A 477 24.09 26.05 -4.65
N THR A 478 24.83 26.55 -3.67
CA THR A 478 25.45 27.87 -3.81
C THR A 478 26.85 27.84 -4.39
N ALA A 479 27.41 26.64 -4.59
CA ALA A 479 28.73 26.48 -5.20
C ALA A 479 28.76 27.06 -6.61
N LYS A 480 29.85 27.76 -6.93
CA LYS A 480 30.17 28.12 -8.31
C LYS A 480 31.27 27.19 -8.77
N GLU A 481 31.60 27.24 -10.06
CA GLU A 481 32.61 26.33 -10.59
C GLU A 481 33.89 26.23 -9.74
N ASP A 482 34.37 27.37 -9.24
CA ASP A 482 35.66 27.38 -8.53
C ASP A 482 35.56 26.82 -7.09
N ASP A 483 34.36 26.40 -6.68
CA ASP A 483 34.12 25.79 -5.39
C ASP A 483 34.08 24.25 -5.48
N LEU A 484 33.90 23.72 -6.69
CA LEU A 484 33.67 22.30 -6.90
C LEU A 484 34.84 21.44 -6.42
N ASN A 485 36.05 22.00 -6.52
CA ASN A 485 37.27 21.37 -6.01
C ASN A 485 37.27 21.10 -4.50
N SER A 486 36.53 21.90 -3.74
CA SER A 486 36.54 21.72 -2.27
C SER A 486 35.75 20.48 -1.80
N PHE A 487 34.81 20.01 -2.62
CA PHE A 487 34.06 18.82 -2.24
C PHE A 487 34.93 17.56 -2.35
N ASN A 488 34.69 16.60 -1.45
CA ASN A 488 35.34 15.29 -1.54
C ASN A 488 34.69 14.26 -0.64
N ALA A 489 35.08 12.99 -0.81
CA ALA A 489 34.39 11.88 -0.14
C ALA A 489 34.22 12.08 1.37
N THR A 490 35.12 12.84 2.00
CA THR A 490 35.03 13.03 3.45
C THR A 490 33.83 13.85 3.89
N ASP A 491 33.21 14.59 2.97
CA ASP A 491 31.94 15.28 3.27
C ASP A 491 30.89 14.32 3.85
N LEU A 492 30.93 13.06 3.42
CA LEU A 492 29.88 12.06 3.75
C LEU A 492 30.19 11.21 4.98
N LYS A 493 31.39 11.36 5.55
CA LYS A 493 31.92 10.44 6.56
C LYS A 493 31.06 10.28 7.83
N ASP A 494 30.39 11.36 8.24
CA ASP A 494 29.56 11.33 9.44
C ASP A 494 28.05 11.33 9.13
N LEU A 495 27.68 10.97 7.91
CA LEU A 495 26.27 10.90 7.54
C LEU A 495 25.80 9.46 7.49
N SER A 496 24.66 9.18 8.09
CA SER A 496 24.06 7.85 7.95
C SER A 496 23.43 7.73 6.56
N SER A 497 22.97 6.53 6.18
CA SER A 497 22.29 6.34 4.90
C SER A 497 21.03 7.20 4.85
N HIS A 498 20.36 7.31 6.00
CA HIS A 498 19.19 8.19 6.12
C HIS A 498 19.53 9.64 5.85
N GLN A 499 20.66 10.09 6.38
CA GLN A 499 21.08 11.47 6.15
C GLN A 499 21.52 11.72 4.70
N LEU A 500 22.15 10.72 4.11
CA LEU A 500 22.55 10.78 2.70
C LEU A 500 21.30 10.92 1.83
N ASN A 501 20.27 10.14 2.15
CA ASN A 501 19.01 10.22 1.43
C ASN A 501 18.38 11.61 1.55
N GLU A 502 18.45 12.17 2.76
CA GLU A 502 17.87 13.47 3.04
C GLU A 502 18.64 14.59 2.33
N PHE A 503 19.96 14.48 2.34
CA PHE A 503 20.80 15.39 1.55
C PHE A 503 20.33 15.41 0.08
N LEU A 504 20.10 14.23 -0.49
CA LEU A 504 19.66 14.14 -1.88
C LEU A 504 18.25 14.70 -2.05
N ALA A 505 17.35 14.41 -1.10
CA ALA A 505 15.99 14.96 -1.12
C ALA A 505 15.99 16.49 -1.09
N GLN A 506 16.83 17.06 -0.21
CA GLN A 506 17.01 18.52 -0.12
C GLN A 506 17.50 19.09 -1.45
N THR A 507 18.44 18.40 -2.08
CA THR A 507 19.08 18.89 -3.30
C THR A 507 18.11 18.74 -4.48
N LEU A 508 17.38 17.62 -4.51
CA LEU A 508 16.37 17.37 -5.53
C LEU A 508 15.28 18.45 -5.59
N GLN A 509 14.88 18.99 -4.44
CA GLN A 509 13.90 20.07 -4.39
C GLN A 509 14.31 21.35 -5.15
N ARG A 510 15.62 21.56 -5.28
CA ARG A 510 16.16 22.69 -6.06
C ARG A 510 16.66 22.32 -7.46
N ALA A 511 16.38 21.10 -7.88
CA ALA A 511 16.79 20.63 -9.22
C ALA A 511 16.06 21.39 -10.34
N PRO A 512 16.73 21.61 -11.50
CA PRO A 512 18.07 21.15 -11.88
C PRO A 512 19.19 21.91 -11.19
N LEU A 513 20.33 21.23 -11.05
CA LEU A 513 21.59 21.88 -10.75
C LEU A 513 22.44 21.92 -12.03
N PRO A 514 23.51 22.72 -12.04
CA PRO A 514 24.39 22.75 -13.21
C PRO A 514 24.95 21.36 -13.48
N LEU A 515 25.09 21.00 -14.75
CA LEU A 515 25.54 19.65 -15.12
C LEU A 515 26.93 19.36 -14.53
N GLY A 516 27.81 20.36 -14.58
CA GLY A 516 29.13 20.23 -13.99
C GLY A 516 29.11 19.89 -12.51
N HIS A 517 28.16 20.47 -11.75
CA HIS A 517 27.99 20.12 -10.32
C HIS A 517 27.65 18.64 -10.14
N ILE A 518 26.69 18.14 -10.94
CA ILE A 518 26.28 16.75 -10.84
C ILE A 518 27.43 15.78 -11.22
N LYS A 519 28.19 16.14 -12.25
CA LYS A 519 29.34 15.34 -12.64
C LYS A 519 30.36 15.27 -11.51
N ARG A 520 30.61 16.40 -10.86
CA ARG A 520 31.52 16.45 -9.70
C ARG A 520 31.02 15.58 -8.55
N MET A 521 29.70 15.62 -8.31
CA MET A 521 29.12 14.87 -7.21
C MET A 521 29.35 13.39 -7.44
N GLN A 522 29.18 12.92 -8.67
CA GLN A 522 29.51 11.54 -8.98
C GLN A 522 31.01 11.28 -8.80
N GLU A 523 31.82 12.22 -9.27
CA GLU A 523 33.29 12.06 -9.19
C GLU A 523 33.77 11.89 -7.74
N VAL A 524 33.24 12.69 -6.83
CA VAL A 524 33.69 12.64 -5.44
C VAL A 524 32.90 11.72 -4.51
N TYR A 525 31.61 11.49 -4.79
CA TYR A 525 30.78 10.70 -3.87
C TYR A 525 30.40 9.34 -4.43
N ASN A 526 30.54 9.17 -5.75
CA ASN A 526 30.27 7.89 -6.40
C ASN A 526 28.89 7.34 -6.03
N PHE A 527 27.86 8.19 -6.11
CA PHE A 527 26.51 7.73 -5.82
C PHE A 527 26.04 6.63 -6.78
N ASN A 528 26.66 6.55 -7.97
CA ASN A 528 26.33 5.47 -8.91
C ASN A 528 26.52 4.08 -8.33
N ALA A 529 27.40 3.94 -7.33
CA ALA A 529 27.66 2.64 -6.73
C ALA A 529 26.68 2.23 -5.62
N ILE A 530 25.79 3.13 -5.20
CA ILE A 530 24.90 2.82 -4.06
C ILE A 530 23.72 1.99 -4.56
N ASN A 531 23.38 0.92 -3.86
CA ASN A 531 22.27 0.05 -4.27
C ASN A 531 21.00 0.27 -3.45
N ASN A 532 21.14 0.98 -2.32
CA ASN A 532 19.99 1.48 -1.57
C ASN A 532 18.98 2.15 -2.52
N SER A 533 17.82 1.52 -2.66
CA SER A 533 16.84 1.92 -3.67
C SER A 533 16.36 3.37 -3.49
N GLU A 534 16.11 3.81 -2.25
CA GLU A 534 15.68 5.20 -2.00
C GLU A 534 16.75 6.21 -2.42
N ILE A 535 17.99 5.98 -2.01
CA ILE A 535 19.11 6.85 -2.37
C ILE A 535 19.32 6.84 -3.89
N ARG A 536 19.25 5.66 -4.50
CA ARG A 536 19.55 5.58 -5.93
C ARG A 536 18.48 6.28 -6.74
N PHE A 537 17.22 6.00 -6.39
CA PHE A 537 16.09 6.72 -6.93
C PHE A 537 16.27 8.25 -6.93
N ARG A 538 16.57 8.85 -5.77
CA ARG A 538 16.69 10.31 -5.72
C ARG A 538 17.88 10.83 -6.53
N TRP A 539 18.99 10.10 -6.46
CA TRP A 539 20.19 10.43 -7.24
C TRP A 539 19.92 10.40 -8.75
N LEU A 540 19.25 9.36 -9.25
CA LEU A 540 18.95 9.26 -10.68
C LEU A 540 17.99 10.36 -11.16
N ARG A 541 16.98 10.66 -10.34
CA ARG A 541 16.10 11.79 -10.61
C ARG A 541 16.90 13.10 -10.69
N LEU A 542 17.79 13.32 -9.74
CA LEU A 542 18.65 14.51 -9.74
C LEU A 542 19.46 14.59 -11.05
N CYS A 543 20.04 13.47 -11.45
CA CYS A 543 20.86 13.40 -12.67
C CYS A 543 20.08 13.69 -13.93
N ILE A 544 18.89 13.09 -14.04
CA ILE A 544 18.04 13.24 -15.22
C ILE A 544 17.47 14.66 -15.34
N GLN A 545 16.89 15.15 -14.24
CA GLN A 545 16.38 16.52 -14.19
C GLN A 545 17.49 17.57 -14.44
N SER A 546 18.74 17.22 -14.15
CA SER A 546 19.89 18.10 -14.43
C SER A 546 20.52 17.83 -15.81
N LYS A 547 19.87 16.99 -16.60
CA LYS A 547 20.20 16.78 -18.03
C LYS A 547 21.50 16.01 -18.25
N TRP A 548 21.81 15.07 -17.36
CA TRP A 548 22.99 14.23 -17.56
C TRP A 548 22.67 12.98 -18.38
N GLU A 549 23.04 12.99 -19.67
CA GLU A 549 22.79 11.89 -20.60
C GLU A 549 23.29 10.53 -20.15
N ASP A 550 24.45 10.52 -19.48
CA ASP A 550 25.05 9.28 -18.95
C ASP A 550 24.07 8.56 -18.01
N ALA A 551 23.21 9.35 -17.37
CA ALA A 551 22.29 8.76 -16.39
C ALA A 551 21.09 8.09 -17.04
N ILE A 552 20.86 8.38 -18.34
CA ILE A 552 19.70 7.83 -19.05
C ILE A 552 19.56 6.29 -18.95
N PRO A 553 20.61 5.53 -19.32
CA PRO A 553 20.51 4.06 -19.19
C PRO A 553 20.35 3.56 -17.75
N LEU A 554 20.91 4.26 -16.77
CA LEU A 554 20.72 3.86 -15.35
C LEU A 554 19.26 4.04 -14.95
N ALA A 555 18.71 5.20 -15.27
CA ALA A 555 17.32 5.53 -14.94
C ALA A 555 16.34 4.57 -15.63
N LEU A 556 16.58 4.29 -16.92
CA LEU A 556 15.75 3.33 -17.67
C LEU A 556 15.78 1.94 -17.07
N LYS A 557 16.97 1.49 -16.66
CA LYS A 557 17.16 0.20 -16.03
C LYS A 557 16.42 0.11 -14.68
N MET A 558 16.57 1.12 -13.82
CA MET A 558 15.86 1.08 -12.53
C MET A 558 14.35 1.15 -12.71
N ALA A 559 13.89 1.91 -13.71
CA ALA A 559 12.45 2.08 -13.94
C ALA A 559 11.81 0.76 -14.33
N THR A 560 12.58 -0.09 -15.00
CA THR A 560 12.04 -1.32 -15.57
C THR A 560 12.41 -2.61 -14.83
N GLU A 561 13.56 -2.65 -14.16
CA GLU A 561 13.94 -3.89 -13.48
CA GLU A 561 14.04 -3.83 -13.43
C GLU A 561 13.26 -4.10 -12.13
N GLN A 562 12.53 -3.08 -11.66
CA GLN A 562 11.61 -3.21 -10.54
C GLN A 562 10.39 -2.38 -10.92
N GLY A 563 9.31 -2.52 -10.17
CA GLY A 563 8.07 -1.83 -10.53
C GLY A 563 7.33 -1.20 -9.37
N ARG A 564 8.07 -0.86 -8.32
CA ARG A 564 7.48 -0.12 -7.21
C ARG A 564 7.09 1.25 -7.75
N MET A 565 5.80 1.59 -7.68
CA MET A 565 5.30 2.79 -8.36
C MET A 565 5.95 4.07 -7.89
N LYS A 566 6.30 4.12 -6.60
CA LYS A 566 7.03 5.23 -5.99
C LYS A 566 8.29 5.59 -6.79
N PHE A 567 8.92 4.57 -7.39
CA PHE A 567 10.16 4.73 -8.12
C PHE A 567 9.93 4.76 -9.65
N THR A 568 9.19 3.77 -10.15
CA THR A 568 8.92 3.64 -11.59
C THR A 568 8.16 4.82 -12.22
N ARG A 569 7.13 5.34 -11.53
CA ARG A 569 6.37 6.44 -12.11
C ARG A 569 7.17 7.75 -12.26
N PRO A 570 7.84 8.22 -11.19
CA PRO A 570 8.64 9.44 -11.38
C PRO A 570 9.86 9.27 -12.30
N LEU A 571 10.51 8.11 -12.30
CA LEU A 571 11.63 7.86 -13.21
C LEU A 571 11.16 7.96 -14.69
N PHE A 572 10.05 7.29 -15.02
CA PHE A 572 9.48 7.42 -16.37
C PHE A 572 9.11 8.85 -16.74
N LYS A 573 8.51 9.55 -15.78
CA LYS A 573 8.08 10.92 -15.98
C LYS A 573 9.28 11.87 -16.20
N ASP A 574 10.31 11.73 -15.38
CA ASP A 574 11.54 12.50 -15.56
C ASP A 574 12.19 12.22 -16.93
N LEU A 575 12.29 10.94 -17.28
CA LEU A 575 12.84 10.51 -18.56
C LEU A 575 12.04 11.02 -19.77
N ALA A 576 10.73 11.12 -19.60
CA ALA A 576 9.87 11.70 -20.62
C ALA A 576 10.06 13.22 -20.71
N ALA A 577 10.32 13.89 -19.59
CA ALA A 577 10.53 15.35 -19.57
C ALA A 577 11.90 15.80 -20.11
N PHE A 578 12.83 14.85 -20.23
CA PHE A 578 14.18 15.13 -20.71
C PHE A 578 14.18 14.85 -22.23
N ASP A 579 14.45 15.89 -23.01
CA ASP A 579 14.38 15.78 -24.49
C ASP A 579 15.19 14.62 -25.03
N LYS A 580 16.39 14.42 -24.49
CA LYS A 580 17.28 13.36 -24.98
C LYS A 580 16.77 11.92 -24.73
N SER A 581 15.98 11.74 -23.69
CA SER A 581 15.50 10.40 -23.32
C SER A 581 14.01 10.19 -23.62
N HIS A 582 13.30 11.26 -23.97
CA HIS A 582 11.85 11.18 -24.20
C HIS A 582 11.43 9.98 -25.07
N ASP A 583 11.99 9.87 -26.28
CA ASP A 583 11.60 8.79 -27.19
C ASP A 583 11.88 7.39 -26.64
N GLN A 584 13.02 7.25 -25.98
CA GLN A 584 13.46 5.99 -25.38
C GLN A 584 12.49 5.59 -24.24
N ALA A 585 12.08 6.57 -23.44
CA ALA A 585 11.13 6.34 -22.34
C ALA A 585 9.80 5.77 -22.85
N VAL A 586 9.26 6.41 -23.89
CA VAL A 586 8.01 5.95 -24.49
C VAL A 586 8.17 4.57 -25.08
N ARG A 587 9.27 4.36 -25.82
CA ARG A 587 9.54 3.05 -26.43
C ARG A 587 9.69 1.92 -25.41
N THR A 588 10.41 2.21 -24.33
CA THR A 588 10.64 1.22 -23.29
C THR A 588 9.31 0.88 -22.64
N TYR A 589 8.48 1.90 -22.40
CA TYR A 589 7.17 1.64 -21.84
C TYR A 589 6.35 0.73 -22.74
N GLN A 590 6.22 1.10 -24.02
CA GLN A 590 5.48 0.27 -24.99
C GLN A 590 5.93 -1.18 -25.01
N GLU A 591 7.24 -1.40 -24.93
CA GLU A 591 7.82 -2.73 -24.96
C GLU A 591 7.54 -3.55 -23.70
N HIS A 592 7.50 -2.89 -22.55
CA HIS A 592 7.37 -3.58 -21.27
C HIS A 592 5.94 -3.69 -20.78
N LYS A 593 5.07 -2.87 -21.38
CA LYS A 593 3.69 -2.68 -20.96
C LYS A 593 2.95 -4.00 -20.70
N ALA A 594 3.02 -4.92 -21.65
CA ALA A 594 2.27 -6.18 -21.58
C ALA A 594 2.65 -7.04 -20.38
N SER A 595 3.90 -6.94 -19.94
CA SER A 595 4.37 -7.76 -18.83
C SER A 595 4.51 -6.99 -17.50
N MET A 596 3.98 -5.77 -17.46
CA MET A 596 3.96 -4.96 -16.25
C MET A 596 2.74 -5.34 -15.42
N HIS A 597 2.72 -4.93 -14.15
CA HIS A 597 1.53 -5.01 -13.32
C HIS A 597 0.45 -4.14 -13.99
N PRO A 598 -0.81 -4.61 -14.04
CA PRO A 598 -1.85 -3.90 -14.77
C PRO A 598 -2.14 -2.48 -14.27
N VAL A 599 -2.08 -2.26 -12.96
CA VAL A 599 -2.33 -0.93 -12.43
C VAL A 599 -1.16 0.00 -12.75
N THR A 600 0.05 -0.50 -12.53
CA THR A 600 1.25 0.25 -12.87
C THR A 600 1.27 0.60 -14.36
N ALA A 601 0.96 -0.38 -15.22
CA ALA A 601 0.88 -0.13 -16.66
C ALA A 601 -0.09 1.00 -16.95
N MET A 602 -1.22 0.99 -16.27
CA MET A 602 -2.26 1.99 -16.53
C MET A 602 -1.77 3.38 -16.14
N LEU A 603 -1.20 3.52 -14.95
CA LEU A 603 -0.78 4.81 -14.44
C LEU A 603 0.42 5.39 -15.19
N VAL A 604 1.40 4.54 -15.51
CA VAL A 604 2.55 5.00 -16.30
C VAL A 604 2.08 5.49 -17.69
N GLY A 605 1.17 4.75 -18.33
CA GLY A 605 0.58 5.18 -19.61
C GLY A 605 -0.09 6.54 -19.55
N LYS A 606 -0.90 6.76 -18.52
CA LYS A 606 -1.46 8.07 -18.22
C LYS A 606 -0.38 9.13 -17.98
N ASP A 607 0.63 8.80 -17.18
CA ASP A 607 1.69 9.78 -16.91
C ASP A 607 2.37 10.20 -18.23
N LEU A 608 2.63 9.22 -19.09
CA LEU A 608 3.32 9.43 -20.37
C LEU A 608 2.43 9.97 -21.51
N LYS A 609 1.13 10.09 -21.26
CA LYS A 609 0.13 10.48 -22.26
C LYS A 609 0.17 9.53 -23.45
N VAL A 610 0.31 8.24 -23.14
CA VAL A 610 0.45 7.19 -24.14
C VAL A 610 -0.80 6.30 -24.14
N ASP A 611 -1.31 6.04 -25.34
CA ASP A 611 -2.54 5.28 -25.64
C ASP A 611 -3.83 6.08 -25.48
ZN ZN B . -0.09 2.28 4.82
YB YB C . 34.28 31.93 -6.38
O21 58Z D . 0.99 0.21 3.46
C19 58Z D . 0.84 1.09 2.56
O20 58Z D . 0.33 2.19 2.83
C16 58Z D . 1.29 0.79 1.14
C15 58Z D . 0.88 1.82 0.10
C14 58Z D . -0.62 1.85 -0.22
C17 58Z D . 0.76 -0.55 0.62
C18 58Z D . -0.71 -0.62 0.24
N13 58Z D . -1.07 0.52 -0.59
C12 58Z D . -1.92 0.27 -1.77
C11 58Z D . -2.55 1.60 -2.23
O10 58Z D . -3.83 1.48 -2.86
C3 58Z D . -4.78 2.42 -2.51
C2 58Z D . -5.61 2.18 -1.42
C4 58Z D . -4.91 3.63 -3.20
C5 58Z D . -5.87 4.58 -2.79
C7 58Z D . -6.15 5.86 -3.35
C8 58Z D . -7.17 6.35 -2.56
N9 58Z D . -7.48 5.43 -1.60
C6 58Z D . -6.68 4.32 -1.72
C1 58Z D . -6.57 3.12 -1.02
C ACT E . -43.63 -7.53 4.72
O ACT E . -43.81 -6.84 5.76
OXT ACT E . -42.83 -8.49 4.84
CH3 ACT E . -44.32 -7.25 3.42
N1 IMD F . 17.92 4.84 4.72
C2 IMD F . 18.53 4.95 3.51
N3 IMD F . 17.70 5.61 2.65
C4 IMD F . 16.57 5.92 3.32
C5 IMD F . 16.70 5.44 4.63
N1 IMD G . 13.18 16.24 2.33
C2 IMD G . 12.81 16.98 1.27
N3 IMD G . 11.89 16.29 0.54
C4 IMD G . 11.68 15.10 1.15
C5 IMD G . 12.50 15.08 2.28
#